data_5CB7
#
_entry.id   5CB7
#
_cell.length_a   42.270
_cell.length_b   83.190
_cell.length_c   47.750
_cell.angle_alpha   90.00
_cell.angle_beta   94.03
_cell.angle_gamma   90.00
#
_symmetry.space_group_name_H-M   'P 1 21 1'
#
loop_
_entity.id
_entity.type
_entity.pdbx_description
1 polymer 'Outer capsid protein VP4'
2 branched alpha-L-fucopyranose-(1-2)-[2-acetamido-2-deoxy-alpha-D-galactopyranose-(1-3)]alpha-D-galactopyranose
3 non-polymer 2-acetamido-2-deoxy-alpha-D-galactopyranose
4 non-polymer beta-D-galactopyranose
5 non-polymer alpha-L-fucopyranose
6 non-polymer GLYCEROL
7 non-polymer 'CHLORIDE ION'
8 water water
#
_entity_poly.entity_id   1
_entity_poly.type   'polypeptide(L)'
_entity_poly.pdbx_seq_one_letter_code
;TLDGPYQPTSLNLPVDYWMLIAPTREGKVAEGTNTTDRWFACVLVEPNVQNTQRQYVLDGQNVQLHVSNDSSTSWKFILF
IKLTPDGTYTQYSTLSTPHKLCAWMKRDNRVYWYQGATPNASESYYLTINNDNSNVSSDAEFYLIPQSQTAMCTQYINNG
L
;
_entity_poly.pdbx_strand_id   A,B
#
loop_
_chem_comp.id
_chem_comp.type
_chem_comp.name
_chem_comp.formula
A2G D-saccharide, alpha linking 2-acetamido-2-deoxy-alpha-D-galactopyranose 'C8 H15 N O6'
CL non-polymer 'CHLORIDE ION' 'Cl -1'
FUC L-saccharide, alpha linking alpha-L-fucopyranose 'C6 H12 O5'
GAL D-saccharide, beta linking beta-D-galactopyranose 'C6 H12 O6'
GLA D-saccharide, alpha linking alpha-D-galactopyranose 'C6 H12 O6'
GOL non-polymer GLYCEROL 'C3 H8 O3'
#
# COMPACT_ATOMS: atom_id res chain seq x y z
N LEU A 2 -22.87 -4.37 4.08
CA LEU A 2 -21.51 -4.86 4.46
C LEU A 2 -20.88 -5.70 3.36
N ASP A 3 -20.07 -5.04 2.55
CA ASP A 3 -19.37 -5.66 1.45
C ASP A 3 -17.97 -6.09 1.92
N GLY A 4 -17.70 -7.40 1.93
CA GLY A 4 -16.40 -7.92 2.33
C GLY A 4 -16.48 -9.33 2.90
N PRO A 5 -15.37 -9.83 3.46
CA PRO A 5 -14.11 -9.10 3.59
C PRO A 5 -13.32 -9.01 2.30
N TYR A 6 -12.57 -7.93 2.16
CA TYR A 6 -11.54 -7.77 1.17
C TYR A 6 -10.22 -8.11 1.82
N GLN A 7 -9.34 -8.73 1.07
CA GLN A 7 -8.03 -9.07 1.56
C GLN A 7 -7.14 -7.83 1.59
N PRO A 8 -6.12 -7.80 2.46
CA PRO A 8 -5.20 -6.67 2.50
C PRO A 8 -4.74 -6.29 1.10
N THR A 9 -4.78 -4.99 0.80
CA THR A 9 -4.38 -4.51 -0.51
C THR A 9 -4.32 -3.00 -0.43
N SER A 10 -3.84 -2.40 -1.52
CA SER A 10 -3.94 -0.96 -1.60
CA SER A 10 -3.78 -0.96 -1.73
C SER A 10 -4.83 -0.53 -2.74
N LEU A 11 -5.44 0.63 -2.56
CA LEU A 11 -6.48 1.06 -3.47
C LEU A 11 -6.76 2.54 -3.35
N ASN A 12 -7.24 3.07 -4.46
CA ASN A 12 -7.93 4.34 -4.50
C ASN A 12 -9.30 4.11 -3.91
N LEU A 13 -9.42 4.28 -2.60
CA LEU A 13 -10.69 4.01 -1.90
C LEU A 13 -11.81 4.90 -2.47
N PRO A 14 -12.87 4.30 -3.01
CA PRO A 14 -13.89 5.14 -3.62
C PRO A 14 -14.51 6.11 -2.61
N VAL A 15 -14.80 7.32 -3.04
CA VAL A 15 -15.41 8.28 -2.16
C VAL A 15 -16.77 7.78 -1.68
N ASP A 16 -17.18 8.25 -0.50
CA ASP A 16 -18.50 7.98 0.08
C ASP A 16 -18.68 6.51 0.50
N TYR A 17 -17.58 5.83 0.81
CA TYR A 17 -17.62 4.51 1.44
C TYR A 17 -16.78 4.51 2.70
N TRP A 18 -17.37 4.03 3.80
CA TRP A 18 -16.60 3.68 4.98
C TRP A 18 -15.76 2.44 4.69
N MET A 19 -14.50 2.51 5.04
CA MET A 19 -13.61 1.35 4.98
C MET A 19 -13.48 0.92 6.42
N LEU A 20 -14.20 -0.15 6.76
CA LEU A 20 -14.22 -0.71 8.09
C LEU A 20 -13.12 -1.77 8.14
N ILE A 21 -12.10 -1.52 8.94
CA ILE A 21 -10.87 -2.32 8.93
C ILE A 21 -10.80 -3.21 10.16
N ALA A 22 -10.41 -4.46 9.94
CA ALA A 22 -10.44 -5.53 10.95
C ALA A 22 -9.06 -6.14 11.16
N PRO A 23 -8.15 -5.41 11.81
CA PRO A 23 -6.81 -5.95 12.05
C PRO A 23 -6.79 -7.17 12.95
N THR A 24 -5.71 -7.94 12.81
CA THR A 24 -5.52 -9.18 13.56
C THR A 24 -4.96 -8.97 14.95
N ARG A 25 -4.04 -8.03 15.12
CA ARG A 25 -3.35 -7.80 16.40
C ARG A 25 -2.68 -6.45 16.35
N GLU A 26 -2.02 -6.10 17.45
CA GLU A 26 -1.31 -4.85 17.59
C GLU A 26 -0.28 -4.68 16.47
N GLY A 27 -0.07 -3.45 16.06
CA GLY A 27 0.87 -3.11 14.99
C GLY A 27 0.23 -2.11 14.06
N LYS A 28 0.95 -1.79 12.99
CA LYS A 28 0.40 -0.97 11.94
C LYS A 28 -0.82 -1.63 11.35
N VAL A 29 -1.84 -0.82 11.05
CA VAL A 29 -3.09 -1.30 10.48
C VAL A 29 -3.17 -0.88 9.01
N ALA A 30 -3.04 0.41 8.73
CA ALA A 30 -3.17 0.89 7.36
C ALA A 30 -2.52 2.26 7.24
N GLU A 31 -2.20 2.65 6.02
CA GLU A 31 -1.63 3.97 5.69
C GLU A 31 -2.41 4.56 4.54
N GLY A 32 -2.31 5.86 4.38
CA GLY A 32 -2.86 6.48 3.18
C GLY A 32 -2.24 7.83 2.94
N THR A 33 -2.47 8.38 1.74
CA THR A 33 -1.86 9.65 1.39
C THR A 33 -2.49 10.26 0.17
N ASN A 34 -2.40 11.61 0.09
CA ASN A 34 -2.74 12.32 -1.15
C ASN A 34 -1.48 12.61 -2.00
N THR A 35 -0.31 12.19 -1.52
CA THR A 35 1.02 12.43 -2.13
C THR A 35 1.47 13.89 -2.11
N THR A 36 0.73 14.79 -1.46
CA THR A 36 1.01 16.21 -1.57
CA THR A 36 1.11 16.20 -1.53
C THR A 36 1.29 16.82 -0.18
N ASP A 37 0.36 16.63 0.74
CA ASP A 37 0.49 17.27 2.05
C ASP A 37 -0.14 16.50 3.19
N ARG A 38 -0.55 15.26 2.96
CA ARG A 38 -1.03 14.39 4.05
C ARG A 38 -0.56 12.97 3.84
N TRP A 39 0.13 12.43 4.84
CA TRP A 39 0.47 11.02 4.93
C TRP A 39 -0.06 10.59 6.27
N PHE A 40 -1.01 9.66 6.30
CA PHE A 40 -1.64 9.28 7.56
C PHE A 40 -1.52 7.77 7.74
N ALA A 41 -1.72 7.34 8.98
CA ALA A 41 -1.57 5.94 9.34
C ALA A 41 -2.34 5.66 10.58
N CYS A 42 -2.89 4.46 10.66
CA CYS A 42 -3.45 4.03 11.94
CA CYS A 42 -3.55 3.95 11.84
C CYS A 42 -2.71 2.80 12.43
N VAL A 43 -2.46 2.82 13.73
CA VAL A 43 -1.83 1.73 14.42
C VAL A 43 -2.75 1.24 15.53
N LEU A 44 -2.56 -0.02 15.90
CA LEU A 44 -3.39 -0.67 16.91
C LEU A 44 -2.52 -1.07 18.09
N VAL A 45 -3.00 -0.76 19.29
CA VAL A 45 -2.28 -1.05 20.55
C VAL A 45 -3.20 -1.93 21.40
N GLU A 46 -2.66 -3.06 21.85
CA GLU A 46 -3.40 -4.02 22.68
C GLU A 46 -3.66 -3.45 24.07
N PRO A 47 -4.59 -4.06 24.83
CA PRO A 47 -4.82 -3.61 26.21
C PRO A 47 -3.58 -3.65 27.09
N ASN A 48 -3.58 -2.83 28.13
CA ASN A 48 -2.55 -2.88 29.17
C ASN A 48 -1.16 -2.58 28.65
N VAL A 49 -0.99 -1.44 27.99
CA VAL A 49 0.31 -1.00 27.53
C VAL A 49 0.68 0.31 28.23
N GLN A 50 1.71 0.23 29.07
CA GLN A 50 2.24 1.43 29.72
CA GLN A 50 2.23 1.43 29.73
C GLN A 50 2.99 2.27 28.69
N ASN A 51 2.94 3.59 28.86
CA ASN A 51 3.54 4.51 27.94
C ASN A 51 4.92 4.08 27.50
N THR A 52 5.13 4.05 26.19
CA THR A 52 6.36 3.53 25.62
C THR A 52 6.51 3.99 24.18
N GLN A 53 7.72 3.91 23.63
CA GLN A 53 7.94 4.06 22.19
C GLN A 53 7.79 2.65 21.56
N ARG A 54 7.19 2.59 20.37
CA ARG A 54 7.17 1.36 19.56
C ARG A 54 7.59 1.71 18.16
N GLN A 55 8.21 0.75 17.48
CA GLN A 55 8.66 0.95 16.11
C GLN A 55 7.62 0.51 15.12
N TYR A 56 7.32 1.38 14.16
CA TYR A 56 6.45 1.07 13.02
C TYR A 56 7.16 1.43 11.73
N VAL A 57 6.87 0.68 10.66
CA VAL A 57 7.36 1.03 9.35
C VAL A 57 6.26 1.87 8.72
N LEU A 58 6.47 3.18 8.68
CA LEU A 58 5.53 4.13 8.11
C LEU A 58 6.24 4.86 6.98
N ASP A 59 5.57 4.97 5.85
CA ASP A 59 6.15 5.58 4.65
C ASP A 59 7.51 4.95 4.32
N GLY A 60 7.62 3.65 4.58
N GLY A 60 7.64 3.64 4.57
CA GLY A 60 8.82 2.88 4.25
CA GLY A 60 8.85 2.89 4.25
C GLY A 60 9.95 2.89 5.26
C GLY A 60 10.07 3.20 5.12
N GLN A 61 9.83 3.73 6.31
CA GLN A 61 10.93 4.03 7.23
C GLN A 61 10.53 3.61 8.62
N ASN A 62 11.51 3.13 9.39
CA ASN A 62 11.28 2.89 10.81
C ASN A 62 11.04 4.21 11.51
N VAL A 63 9.95 4.25 12.26
CA VAL A 63 9.64 5.42 13.08
CA VAL A 63 9.59 5.42 13.06
C VAL A 63 9.28 4.95 14.48
N GLN A 64 9.86 5.62 15.47
CA GLN A 64 9.54 5.34 16.88
C GLN A 64 8.38 6.27 17.23
N LEU A 65 7.24 5.72 17.61
CA LEU A 65 6.10 6.52 18.02
C LEU A 65 5.69 6.14 19.42
N HIS A 66 5.17 7.12 20.16
CA HIS A 66 4.76 6.88 21.54
C HIS A 66 3.32 6.43 21.58
N VAL A 67 3.10 5.37 22.33
CA VAL A 67 1.78 4.78 22.49
C VAL A 67 1.55 4.39 23.95
N SER A 68 0.27 4.32 24.28
CA SER A 68 -0.17 3.83 25.57
CA SER A 68 -0.20 3.91 25.59
C SER A 68 -1.60 3.33 25.44
N ASN A 69 -1.94 2.35 26.27
CA ASN A 69 -3.32 1.91 26.38
C ASN A 69 -3.58 1.48 27.80
N ASP A 70 -4.31 2.31 28.56
CA ASP A 70 -4.55 1.94 29.96
C ASP A 70 -5.81 1.12 30.18
N SER A 71 -6.53 0.75 29.11
CA SER A 71 -7.67 -0.13 29.27
C SER A 71 -7.22 -1.57 29.41
N SER A 72 -7.96 -2.33 30.21
CA SER A 72 -7.79 -3.78 30.40
CA SER A 72 -7.64 -3.75 30.33
C SER A 72 -8.46 -4.59 29.33
N THR A 73 -9.40 -3.97 28.63
CA THR A 73 -10.21 -4.70 27.64
C THR A 73 -10.29 -4.09 26.26
N SER A 74 -10.27 -2.77 26.17
CA SER A 74 -10.36 -2.14 24.87
C SER A 74 -8.97 -2.06 24.22
N TRP A 75 -8.93 -2.43 22.93
CA TRP A 75 -7.83 -2.09 22.05
C TRP A 75 -7.87 -0.59 21.82
N LYS A 76 -6.76 -0.02 21.34
CA LYS A 76 -6.73 1.38 21.00
CA LYS A 76 -6.74 1.40 20.97
C LYS A 76 -6.13 1.60 19.61
N PHE A 77 -6.91 2.22 18.73
CA PHE A 77 -6.40 2.66 17.45
C PHE A 77 -5.91 4.09 17.62
N ILE A 78 -4.76 4.41 17.02
CA ILE A 78 -4.22 5.76 17.03
C ILE A 78 -3.97 6.19 15.60
N LEU A 79 -4.55 7.34 15.26
CA LEU A 79 -4.38 7.95 13.95
C LEU A 79 -3.26 8.99 14.00
N PHE A 80 -2.25 8.74 13.19
CA PHE A 80 -1.07 9.60 13.04
C PHE A 80 -1.06 10.25 11.67
N ILE A 81 -0.63 11.50 11.61
CA ILE A 81 -0.59 12.27 10.36
C ILE A 81 0.71 13.06 10.33
N LYS A 82 1.39 13.04 9.18
CA LYS A 82 2.48 13.99 8.90
C LYS A 82 2.09 14.81 7.68
N LEU A 83 2.60 16.03 7.60
CA LEU A 83 2.15 17.00 6.61
C LEU A 83 3.13 17.20 5.44
N THR A 84 4.34 16.68 5.57
CA THR A 84 5.37 16.75 4.51
C THR A 84 6.14 15.44 4.53
N PRO A 85 6.83 15.07 3.44
CA PRO A 85 7.60 13.82 3.46
C PRO A 85 8.61 13.67 4.61
N ASP A 86 9.26 14.78 4.96
CA ASP A 86 10.28 14.77 5.99
C ASP A 86 9.74 15.24 7.34
N GLY A 87 8.43 15.38 7.45
N GLY A 87 8.42 15.36 7.45
CA GLY A 87 7.79 15.80 8.69
CA GLY A 87 7.77 15.77 8.67
C GLY A 87 7.75 14.72 9.75
C GLY A 87 7.44 14.60 9.60
N THR A 88 6.92 14.95 10.76
CA THR A 88 6.78 14.05 11.87
C THR A 88 5.37 13.51 11.96
N TYR A 89 5.25 12.19 12.00
CA TYR A 89 3.94 11.58 12.24
C TYR A 89 3.47 11.93 13.64
N THR A 90 2.28 12.52 13.71
CA THR A 90 1.76 13.10 14.94
C THR A 90 0.36 12.57 15.22
N GLN A 91 0.10 12.24 16.49
CA GLN A 91 -1.22 11.76 16.90
C GLN A 91 -2.28 12.83 16.78
N TYR A 92 -3.37 12.51 16.08
CA TYR A 92 -4.52 13.41 16.01
C TYR A 92 -5.81 12.87 16.62
N SER A 93 -5.93 11.55 16.77
CA SER A 93 -7.21 10.96 17.17
C SER A 93 -6.97 9.53 17.65
N THR A 94 -7.85 9.08 18.54
CA THR A 94 -7.82 7.70 19.00
C THR A 94 -9.21 7.10 19.09
N LEU A 95 -9.25 5.77 19.01
CA LEU A 95 -10.49 5.02 19.14
C LEU A 95 -10.23 3.83 20.06
N SER A 96 -10.90 3.81 21.19
CA SER A 96 -10.80 2.68 22.11
CA SER A 96 -10.81 2.71 22.16
C SER A 96 -12.01 1.77 21.98
N THR A 97 -11.74 0.49 21.78
CA THR A 97 -12.76 -0.47 21.44
C THR A 97 -12.36 -1.91 21.74
N PRO A 98 -13.21 -2.68 22.42
CA PRO A 98 -12.94 -4.10 22.61
C PRO A 98 -13.31 -4.93 21.38
N HIS A 99 -13.85 -4.27 20.35
CA HIS A 99 -14.33 -4.95 19.17
C HIS A 99 -13.37 -4.85 18.00
N LYS A 100 -12.28 -4.11 18.14
CA LYS A 100 -11.13 -4.29 17.28
C LYS A 100 -11.32 -3.78 15.83
N LEU A 101 -12.30 -2.89 15.64
CA LEU A 101 -12.62 -2.32 14.33
C LEU A 101 -12.47 -0.80 14.31
N CYS A 102 -11.97 -0.27 13.19
CA CYS A 102 -11.87 1.17 12.98
C CYS A 102 -12.42 1.48 11.60
N ALA A 103 -12.67 2.75 11.29
CA ALA A 103 -13.15 3.06 9.96
C ALA A 103 -12.82 4.47 9.55
N TRP A 104 -12.53 4.63 8.27
CA TRP A 104 -12.36 5.96 7.69
C TRP A 104 -13.06 6.02 6.33
N MET A 105 -13.33 7.25 5.89
CA MET A 105 -14.04 7.49 4.65
C MET A 105 -13.56 8.76 3.97
N LYS A 106 -13.41 8.69 2.65
CA LYS A 106 -13.11 9.88 1.84
C LYS A 106 -14.42 10.52 1.42
N ARG A 107 -14.68 11.73 1.92
CA ARG A 107 -15.91 12.47 1.54
C ARG A 107 -15.64 13.95 1.79
N ASP A 108 -16.24 14.81 0.97
CA ASP A 108 -16.18 16.26 1.21
C ASP A 108 -14.74 16.79 1.25
N ASN A 109 -13.89 16.26 0.38
CA ASN A 109 -12.46 16.62 0.31
C ASN A 109 -11.67 16.26 1.57
N ARG A 110 -12.25 15.39 2.38
CA ARG A 110 -11.73 15.04 3.70
C ARG A 110 -11.61 13.55 3.84
N VAL A 111 -10.92 13.13 4.91
CA VAL A 111 -10.99 11.76 5.41
C VAL A 111 -11.60 11.87 6.80
N TYR A 112 -12.78 11.26 6.98
CA TYR A 112 -13.45 11.16 8.28
C TYR A 112 -13.03 9.87 8.96
N TRP A 113 -13.07 9.90 10.29
CA TRP A 113 -12.53 8.85 11.12
C TRP A 113 -13.33 8.71 12.40
N TYR A 114 -13.65 7.48 12.81
CA TYR A 114 -14.34 7.24 14.08
C TYR A 114 -13.38 7.35 15.24
N GLN A 115 -13.79 8.12 16.25
CA GLN A 115 -12.97 8.34 17.42
C GLN A 115 -13.78 8.31 18.71
N GLY A 116 -13.08 8.23 19.82
CA GLY A 116 -13.69 8.22 21.14
C GLY A 116 -13.50 6.86 21.77
N ALA A 117 -14.48 6.46 22.56
CA ALA A 117 -14.47 5.16 23.24
C ALA A 117 -15.82 4.53 23.03
N THR A 118 -15.83 3.30 22.55
CA THR A 118 -17.08 2.56 22.40
C THR A 118 -17.71 2.46 23.79
N PRO A 119 -19.04 2.41 23.88
CA PRO A 119 -19.93 2.23 22.73
C PRO A 119 -20.59 3.50 22.22
N ASN A 120 -19.98 4.66 22.42
CA ASN A 120 -20.51 5.87 21.79
C ASN A 120 -19.46 6.61 20.96
N ALA A 121 -18.62 5.83 20.29
CA ALA A 121 -17.67 6.41 19.34
C ALA A 121 -18.46 6.94 18.16
N SER A 122 -17.93 7.96 17.52
CA SER A 122 -18.61 8.57 16.38
C SER A 122 -17.61 9.14 15.39
N GLU A 123 -18.14 9.49 14.23
CA GLU A 123 -17.33 9.92 13.09
C GLU A 123 -16.98 11.41 13.17
N SER A 124 -16.42 11.82 14.29
CA SER A 124 -16.28 13.23 14.61
C SER A 124 -14.91 13.82 14.34
N TYR A 125 -13.95 13.01 13.86
CA TYR A 125 -12.64 13.56 13.40
C TYR A 125 -12.59 13.55 11.88
N TYR A 126 -11.95 14.56 11.31
CA TYR A 126 -11.55 14.51 9.91
C TYR A 126 -10.25 15.27 9.70
N LEU A 127 -9.54 14.85 8.65
CA LEU A 127 -8.46 15.63 8.09
C LEU A 127 -8.84 16.05 6.66
N THR A 128 -8.18 17.08 6.13
CA THR A 128 -8.46 17.57 4.80
C THR A 128 -7.41 17.00 3.84
N ILE A 129 -7.88 16.41 2.74
CA ILE A 129 -6.97 15.83 1.73
C ILE A 129 -7.06 16.45 0.35
N ASN A 130 -8.23 16.96 -0.05
CA ASN A 130 -8.38 17.59 -1.39
C ASN A 130 -7.76 16.70 -2.46
N ASN A 131 -8.10 15.42 -2.45
CA ASN A 131 -7.65 14.54 -3.52
C ASN A 131 -8.54 13.30 -3.47
N ASP A 132 -9.55 13.26 -4.32
CA ASP A 132 -10.50 12.15 -4.34
C ASP A 132 -9.88 10.84 -4.76
N ASN A 133 -8.66 10.90 -5.30
CA ASN A 133 -7.90 9.70 -5.60
C ASN A 133 -6.86 9.34 -4.55
N SER A 134 -7.02 9.84 -3.33
CA SER A 134 -6.05 9.52 -2.30
C SER A 134 -6.01 8.01 -2.13
N ASN A 135 -4.80 7.49 -1.94
CA ASN A 135 -4.56 6.06 -1.91
C ASN A 135 -4.44 5.55 -0.48
N VAL A 136 -4.93 4.34 -0.26
CA VAL A 136 -4.90 3.68 1.04
CA VAL A 136 -4.83 3.72 1.06
C VAL A 136 -4.25 2.31 0.89
N SER A 137 -3.40 1.91 1.80
CA SER A 137 -2.82 0.58 1.82
C SER A 137 -3.15 -0.05 3.16
N SER A 138 -3.91 -1.13 3.16
CA SER A 138 -4.31 -1.79 4.41
C SER A 138 -3.56 -3.09 4.59
N ASP A 139 -2.96 -3.29 5.75
CA ASP A 139 -2.38 -4.59 6.11
C ASP A 139 -3.44 -5.59 6.61
N ALA A 140 -4.66 -5.12 6.80
CA ALA A 140 -5.75 -5.92 7.36
C ALA A 140 -6.90 -6.12 6.39
N GLU A 141 -7.67 -7.17 6.63
CA GLU A 141 -8.94 -7.34 5.95
C GLU A 141 -9.84 -6.15 6.22
N PHE A 142 -10.74 -5.88 5.28
CA PHE A 142 -11.64 -4.74 5.45
C PHE A 142 -12.95 -4.96 4.73
N TYR A 143 -13.91 -4.09 5.08
CA TYR A 143 -15.25 -4.08 4.52
C TYR A 143 -15.52 -2.67 4.01
N LEU A 144 -16.43 -2.59 3.04
CA LEU A 144 -16.90 -1.30 2.51
C LEU A 144 -18.37 -1.13 2.79
N ILE A 145 -18.72 0.02 3.35
CA ILE A 145 -20.11 0.37 3.72
C ILE A 145 -20.45 1.74 3.11
N PRO A 146 -21.54 1.85 2.31
CA PRO A 146 -21.82 3.17 1.73
C PRO A 146 -22.14 4.20 2.79
N GLN A 147 -21.88 5.46 2.48
CA GLN A 147 -22.18 6.54 3.40
C GLN A 147 -23.66 6.60 3.80
N SER A 148 -24.56 6.21 2.89
CA SER A 148 -25.99 6.13 3.23
C SER A 148 -26.29 5.21 4.42
N GLN A 149 -25.34 4.30 4.73
CA GLN A 149 -25.49 3.35 5.82
CA GLN A 149 -25.47 3.34 5.81
C GLN A 149 -24.48 3.66 6.95
N THR A 150 -24.19 4.94 7.15
CA THR A 150 -23.31 5.36 8.24
C THR A 150 -23.80 4.85 9.59
N ALA A 151 -25.11 4.92 9.83
CA ALA A 151 -25.67 4.42 11.08
C ALA A 151 -25.27 2.96 11.33
N MET A 152 -25.22 2.13 10.30
CA MET A 152 -24.75 0.74 10.48
CA MET A 152 -24.77 0.75 10.52
C MET A 152 -23.25 0.67 10.77
N CYS A 153 -22.46 1.50 10.08
CA CYS A 153 -21.02 1.54 10.40
C CYS A 153 -20.83 1.90 11.87
N THR A 154 -21.59 2.89 12.35
CA THR A 154 -21.54 3.30 13.74
C THR A 154 -21.88 2.14 14.66
N GLN A 155 -22.89 1.37 14.32
CA GLN A 155 -23.28 0.19 15.07
C GLN A 155 -22.14 -0.80 15.16
N TYR A 156 -21.50 -1.08 14.02
CA TYR A 156 -20.38 -2.04 14.00
C TYR A 156 -19.17 -1.53 14.77
N ILE A 157 -18.86 -0.23 14.64
CA ILE A 157 -17.74 0.31 15.39
C ILE A 157 -17.98 0.09 16.88
N ASN A 158 -19.19 0.36 17.34
CA ASN A 158 -19.50 0.31 18.76
C ASN A 158 -19.85 -1.06 19.31
N ASN A 159 -20.11 -2.04 18.45
CA ASN A 159 -20.57 -3.36 18.90
C ASN A 159 -19.97 -4.59 18.22
N GLY A 160 -19.12 -4.37 17.22
CA GLY A 160 -18.61 -5.47 16.40
C GLY A 160 -19.64 -5.86 15.35
N LEU A 161 -19.31 -6.88 14.58
CA LEU A 161 -20.09 -7.29 13.42
C LEU A 161 -21.35 -8.07 13.80
N LEU B 2 23.17 -2.37 -1.42
CA LEU B 2 21.94 -3.22 -1.31
C LEU B 2 21.32 -3.12 0.09
N ASP B 3 20.42 -2.17 0.25
CA ASP B 3 19.74 -1.93 1.50
C ASP B 3 18.50 -2.83 1.55
N GLY B 4 18.45 -3.79 2.49
CA GLY B 4 17.29 -4.69 2.62
C GLY B 4 17.64 -6.04 3.21
N PRO B 5 16.70 -6.98 3.25
CA PRO B 5 15.35 -6.83 2.69
C PRO B 5 14.40 -6.07 3.59
N TYR B 6 13.49 -5.33 2.95
CA TYR B 6 12.36 -4.69 3.59
C TYR B 6 11.16 -5.61 3.44
N GLN B 7 10.35 -5.72 4.48
CA GLN B 7 9.12 -6.49 4.40
C GLN B 7 8.09 -5.74 3.54
N PRO B 8 7.12 -6.47 2.98
CA PRO B 8 6.07 -5.82 2.21
C PRO B 8 5.49 -4.62 2.93
N THR B 9 5.31 -3.52 2.21
CA THR B 9 4.83 -2.28 2.79
C THR B 9 4.58 -1.32 1.64
N SER B 10 3.98 -0.19 1.97
CA SER B 10 3.90 0.86 0.98
CA SER B 10 3.73 0.93 1.06
C SER B 10 4.67 2.08 1.42
N LEU B 11 5.05 2.89 0.44
CA LEU B 11 5.96 4.01 0.70
C LEU B 11 6.00 4.98 -0.44
N ASN B 12 6.35 6.20 -0.06
CA ASN B 12 6.82 7.19 -1.00
C ASN B 12 8.27 6.80 -1.34
N LEU B 13 8.42 5.98 -2.37
CA LEU B 13 9.73 5.46 -2.73
C LEU B 13 10.68 6.64 -3.04
N PRO B 14 11.82 6.76 -2.32
CA PRO B 14 12.68 7.90 -2.54
C PRO B 14 13.18 7.95 -3.97
N VAL B 15 13.26 9.13 -4.54
CA VAL B 15 13.77 9.25 -5.90
CA VAL B 15 13.78 9.33 -5.87
C VAL B 15 15.23 8.80 -5.96
N ASP B 16 15.61 8.27 -7.13
CA ASP B 16 16.97 7.84 -7.43
C ASP B 16 17.37 6.59 -6.68
N TYR B 17 16.39 5.74 -6.35
CA TYR B 17 16.64 4.40 -5.79
C TYR B 17 15.89 3.35 -6.59
N TRP B 18 16.60 2.34 -7.05
CA TRP B 18 15.96 1.16 -7.56
C TRP B 18 15.31 0.40 -6.41
N MET B 19 14.05 0.00 -6.60
CA MET B 19 13.35 -0.88 -5.70
C MET B 19 13.35 -2.24 -6.36
N LEU B 20 14.21 -3.13 -5.86
CA LEU B 20 14.43 -4.45 -6.42
C LEU B 20 13.54 -5.40 -5.62
N ILE B 21 12.52 -5.92 -6.26
CA ILE B 21 11.44 -6.65 -5.59
C ILE B 21 11.58 -8.13 -5.86
N ALA B 22 11.35 -8.93 -4.82
CA ALA B 22 11.74 -10.34 -4.82
C ALA B 22 10.57 -11.24 -4.41
N PRO B 23 9.55 -11.35 -5.22
CA PRO B 23 8.46 -12.30 -4.98
C PRO B 23 8.94 -13.76 -5.15
N THR B 24 8.28 -14.71 -4.52
CA THR B 24 8.59 -16.12 -4.81
C THR B 24 7.43 -16.89 -5.40
N ARG B 25 6.23 -16.31 -5.43
CA ARG B 25 5.10 -16.98 -6.04
C ARG B 25 4.40 -16.10 -7.04
N GLU B 26 3.76 -16.73 -8.02
CA GLU B 26 3.01 -16.01 -9.03
C GLU B 26 1.87 -15.21 -8.43
N GLY B 27 1.45 -14.18 -9.15
CA GLY B 27 0.38 -13.30 -8.69
C GLY B 27 0.81 -11.85 -8.71
N LYS B 28 -0.05 -10.98 -8.19
CA LYS B 28 0.30 -9.57 -8.07
C LYS B 28 1.56 -9.41 -7.23
N VAL B 29 2.45 -8.52 -7.65
CA VAL B 29 3.72 -8.25 -6.96
C VAL B 29 3.67 -6.89 -6.28
N ALA B 30 3.35 -5.84 -7.03
CA ALA B 30 3.38 -4.48 -6.46
C ALA B 30 2.55 -3.54 -7.33
N GLU B 31 2.14 -2.42 -6.74
CA GLU B 31 1.34 -1.39 -7.41
C GLU B 31 1.93 -0.04 -7.07
N GLY B 32 1.59 0.97 -7.86
CA GLY B 32 1.97 2.33 -7.53
C GLY B 32 1.16 3.32 -8.31
N THR B 33 1.27 4.58 -7.91
CA THR B 33 0.43 5.61 -8.51
C THR B 33 0.91 7.01 -8.18
N ASN B 34 0.64 7.93 -9.09
CA ASN B 34 0.76 9.37 -8.77
C ASN B 34 -0.56 10.00 -8.34
N THR B 35 -1.64 9.21 -8.28
CA THR B 35 -3.01 9.62 -7.95
C THR B 35 -3.70 10.50 -8.97
N THR B 36 -3.05 10.81 -10.08
CA THR B 36 -3.64 11.75 -11.06
C THR B 36 -3.89 11.12 -12.42
N ASP B 37 -2.89 10.44 -12.98
CA ASP B 37 -3.06 9.86 -14.32
C ASP B 37 -2.24 8.61 -14.59
N ARG B 38 -1.63 8.02 -13.56
CA ARG B 38 -0.94 6.74 -13.72
C ARG B 38 -1.22 5.87 -12.51
N TRP B 39 -1.74 4.67 -12.76
CA TRP B 39 -1.84 3.59 -11.75
C TRP B 39 -1.17 2.41 -12.42
N PHE B 40 -0.10 1.92 -11.85
CA PHE B 40 0.66 0.85 -12.46
C PHE B 40 0.79 -0.33 -11.51
N ALA B 41 1.09 -1.49 -12.06
CA ALA B 41 1.12 -2.73 -11.30
C ALA B 41 1.99 -3.70 -12.00
N CYS B 42 2.75 -4.49 -11.27
CA CYS B 42 3.42 -5.65 -11.87
CA CYS B 42 3.35 -5.65 -11.92
C CYS B 42 2.88 -6.93 -11.29
N VAL B 43 2.69 -7.90 -12.18
CA VAL B 43 2.26 -9.23 -11.79
C VAL B 43 3.35 -10.20 -12.25
N LEU B 44 3.39 -11.35 -11.60
CA LEU B 44 4.37 -12.40 -11.89
C LEU B 44 3.61 -13.63 -12.37
N VAL B 45 4.07 -14.17 -13.50
CA VAL B 45 3.51 -15.36 -14.15
C VAL B 45 4.56 -16.45 -14.21
N GLU B 46 4.18 -17.62 -13.73
CA GLU B 46 5.04 -18.79 -13.69
C GLU B 46 5.31 -19.33 -15.11
N PRO B 47 6.29 -20.24 -15.24
CA PRO B 47 6.56 -20.84 -16.54
C PRO B 47 5.37 -21.62 -17.13
N ASN B 48 5.38 -21.75 -18.46
CA ASN B 48 4.45 -22.64 -19.18
C ASN B 48 2.99 -22.27 -18.97
N VAL B 49 2.67 -21.00 -19.23
CA VAL B 49 1.30 -20.54 -19.15
C VAL B 49 0.84 -20.15 -20.55
N GLN B 50 -0.07 -20.94 -21.11
CA GLN B 50 -0.67 -20.61 -22.41
C GLN B 50 -1.63 -19.43 -22.24
N ASN B 51 -1.77 -18.64 -23.31
CA ASN B 51 -2.58 -17.42 -23.28
C ASN B 51 -3.89 -17.63 -22.54
N THR B 52 -4.13 -16.82 -21.54
CA THR B 52 -5.28 -17.01 -20.67
C THR B 52 -5.63 -15.71 -19.98
N GLN B 53 -6.89 -15.60 -19.58
CA GLN B 53 -7.31 -14.54 -18.66
C GLN B 53 -7.02 -15.00 -17.22
N ARG B 54 -6.53 -14.09 -16.38
CA ARG B 54 -6.36 -14.32 -14.95
C ARG B 54 -6.88 -13.12 -14.19
N GLN B 55 -7.43 -13.40 -13.02
CA GLN B 55 -7.97 -12.36 -12.16
C GLN B 55 -6.94 -11.87 -11.16
N TYR B 56 -6.86 -10.55 -11.07
CA TYR B 56 -6.01 -9.89 -10.08
C TYR B 56 -6.81 -8.82 -9.38
N VAL B 57 -6.47 -8.53 -8.13
CA VAL B 57 -7.05 -7.37 -7.43
C VAL B 57 -6.09 -6.20 -7.64
N LEU B 58 -6.47 -5.26 -8.48
CA LEU B 58 -5.66 -4.09 -8.77
C LEU B 58 -6.51 -2.87 -8.49
N ASP B 59 -5.93 -1.91 -7.79
CA ASP B 59 -6.66 -0.72 -7.35
C ASP B 59 -7.93 -1.10 -6.58
N GLY B 60 -7.85 -2.18 -5.81
N GLY B 60 -7.87 -2.17 -5.80
CA GLY B 60 -8.97 -2.64 -4.99
CA GLY B 60 -9.00 -2.64 -5.00
C GLY B 60 -10.03 -3.46 -5.71
C GLY B 60 -10.19 -3.13 -5.80
N GLN B 61 -9.93 -3.57 -7.03
CA GLN B 61 -11.01 -4.13 -7.88
C GLN B 61 -10.53 -5.41 -8.54
N ASN B 62 -11.43 -6.37 -8.66
CA ASN B 62 -11.18 -7.54 -9.49
C ASN B 62 -11.09 -7.11 -10.94
N VAL B 63 -10.03 -7.56 -11.60
CA VAL B 63 -9.85 -7.29 -13.02
C VAL B 63 -9.30 -8.53 -13.69
N GLN B 64 -9.86 -8.84 -14.86
CA GLN B 64 -9.41 -9.94 -15.68
C GLN B 64 -8.38 -9.42 -16.66
N LEU B 65 -7.18 -9.97 -16.64
CA LEU B 65 -6.13 -9.55 -17.55
C LEU B 65 -5.57 -10.73 -18.28
N HIS B 66 -5.12 -10.51 -19.50
CA HIS B 66 -4.58 -11.58 -20.32
C HIS B 66 -3.09 -11.69 -20.04
N VAL B 67 -2.64 -12.90 -19.79
CA VAL B 67 -1.25 -13.17 -19.53
C VAL B 67 -0.85 -14.43 -20.28
N SER B 68 0.43 -14.55 -20.53
CA SER B 68 1.03 -15.75 -21.11
C SER B 68 2.49 -15.80 -20.67
N ASN B 69 3.04 -17.02 -20.70
CA ASN B 69 4.48 -17.18 -20.54
C ASN B 69 4.92 -18.42 -21.31
N ASP B 70 5.63 -18.21 -22.43
CA ASP B 70 6.08 -19.31 -23.31
C ASP B 70 7.26 -20.10 -22.77
N SER B 71 8.00 -19.52 -21.84
CA SER B 71 9.22 -20.16 -21.34
C SER B 71 8.91 -21.30 -20.40
N SER B 72 9.75 -22.33 -20.45
CA SER B 72 9.65 -23.46 -19.56
C SER B 72 10.48 -23.25 -18.29
N THR B 73 11.34 -22.24 -18.26
CA THR B 73 12.24 -22.02 -17.12
C THR B 73 12.18 -20.61 -16.53
N SER B 74 12.02 -19.60 -17.39
CA SER B 74 11.90 -18.23 -16.90
CA SER B 74 11.90 -18.23 -16.90
C SER B 74 10.47 -17.88 -16.52
N TRP B 75 10.32 -17.20 -15.39
CA TRP B 75 9.07 -16.61 -14.99
C TRP B 75 8.96 -15.29 -15.74
N LYS B 76 7.80 -14.64 -15.67
CA LYS B 76 7.57 -13.43 -16.43
CA LYS B 76 7.59 -13.41 -16.43
C LYS B 76 6.84 -12.38 -15.61
N PHE B 77 7.50 -11.23 -15.41
CA PHE B 77 6.85 -10.07 -14.84
C PHE B 77 6.16 -9.33 -15.97
N ILE B 78 4.95 -8.86 -15.73
CA ILE B 78 4.23 -8.02 -16.68
C ILE B 78 3.84 -6.71 -15.99
N LEU B 79 4.17 -5.60 -16.62
CA LEU B 79 3.83 -4.25 -16.11
C LEU B 79 2.59 -3.74 -16.83
N PHE B 80 1.56 -3.51 -16.03
CA PHE B 80 0.29 -2.96 -16.47
C PHE B 80 0.13 -1.54 -15.99
N ILE B 81 -0.51 -0.69 -16.80
CA ILE B 81 -0.76 0.70 -16.45
C ILE B 81 -2.16 1.07 -16.92
N LYS B 82 -2.89 1.79 -16.08
CA LYS B 82 -4.09 2.52 -16.50
C LYS B 82 -3.88 4.02 -16.27
N LEU B 83 -4.57 4.84 -17.05
CA LEU B 83 -4.35 6.29 -17.08
C LEU B 83 -5.42 7.12 -16.40
N THR B 84 -6.51 6.48 -15.98
CA THR B 84 -7.56 7.11 -15.21
C THR B 84 -8.12 6.05 -14.26
N PRO B 85 -8.82 6.47 -13.20
CA PRO B 85 -9.37 5.45 -12.30
C PRO B 85 -10.33 4.47 -12.96
N ASP B 86 -11.14 4.96 -13.91
CA ASP B 86 -12.07 4.13 -14.68
C ASP B 86 -11.44 3.48 -15.90
N GLY B 87 -10.13 3.61 -16.04
CA GLY B 87 -9.44 3.12 -17.20
C GLY B 87 -9.20 1.62 -17.22
N THR B 88 -8.49 1.19 -18.25
CA THR B 88 -8.14 -0.20 -18.46
C THR B 88 -6.66 -0.44 -18.20
N TYR B 89 -6.37 -1.33 -17.26
CA TYR B 89 -4.99 -1.78 -17.06
C TYR B 89 -4.49 -2.45 -18.33
N THR B 90 -3.36 -1.96 -18.84
CA THR B 90 -2.87 -2.33 -20.17
C THR B 90 -1.40 -2.72 -20.05
N GLN B 91 -1.02 -3.80 -20.71
CA GLN B 91 0.38 -4.25 -20.70
C GLN B 91 1.31 -3.29 -21.45
N TYR B 92 2.39 -2.86 -20.78
CA TYR B 92 3.41 -2.02 -21.44
C TYR B 92 4.78 -2.63 -21.54
N SER B 93 5.11 -3.60 -20.72
CA SER B 93 6.47 -4.12 -20.66
C SER B 93 6.45 -5.46 -19.95
N THR B 94 7.45 -6.28 -20.26
CA THR B 94 7.66 -7.58 -19.62
C THR B 94 9.12 -7.83 -19.29
N LEU B 95 9.35 -8.66 -18.28
CA LEU B 95 10.70 -9.10 -17.89
C LEU B 95 10.65 -10.61 -17.69
N SER B 96 11.38 -11.34 -18.53
CA SER B 96 11.48 -12.77 -18.41
CA SER B 96 11.49 -12.78 -18.44
C SER B 96 12.75 -13.12 -17.67
N THR B 97 12.61 -13.89 -16.59
CA THR B 97 13.72 -14.12 -15.69
C THR B 97 13.47 -15.35 -14.83
N PRO B 98 14.49 -16.24 -14.69
CA PRO B 98 14.36 -17.35 -13.75
C PRO B 98 14.66 -16.94 -12.30
N HIS B 99 15.19 -15.72 -12.09
CA HIS B 99 15.59 -15.28 -10.74
C HIS B 99 14.45 -14.60 -9.96
N LYS B 100 13.37 -14.27 -10.68
CA LYS B 100 12.16 -13.68 -10.09
C LYS B 100 12.45 -12.39 -9.31
N LEU B 101 13.31 -11.56 -9.89
CA LEU B 101 13.58 -10.21 -9.39
C LEU B 101 13.17 -9.22 -10.46
N CYS B 102 12.52 -8.15 -10.05
CA CYS B 102 12.20 -7.03 -10.95
C CYS B 102 12.61 -5.74 -10.27
N ALA B 103 12.65 -4.62 -10.99
CA ALA B 103 13.02 -3.37 -10.33
C ALA B 103 12.43 -2.17 -11.04
N TRP B 104 12.02 -1.19 -10.25
CA TRP B 104 11.64 0.11 -10.79
C TRP B 104 12.24 1.22 -9.96
N MET B 105 12.32 2.41 -10.54
CA MET B 105 12.93 3.56 -9.89
C MET B 105 12.24 4.84 -10.33
N LYS B 106 12.01 5.74 -9.36
CA LYS B 106 11.51 7.07 -9.66
C LYS B 106 12.71 7.96 -9.94
N ARG B 107 12.84 8.45 -11.18
CA ARG B 107 13.93 9.34 -11.56
C ARG B 107 13.44 10.11 -12.80
N ASP B 108 13.93 11.35 -12.99
CA ASP B 108 13.64 12.11 -14.21
C ASP B 108 12.14 12.34 -14.42
N ASN B 109 11.39 12.40 -13.31
CA ASN B 109 9.92 12.57 -13.38
C ASN B 109 9.20 11.36 -13.98
N ARG B 110 9.91 10.23 -13.98
CA ARG B 110 9.47 8.99 -14.59
C ARG B 110 9.57 7.88 -13.58
N VAL B 111 9.02 6.72 -13.95
CA VAL B 111 9.33 5.46 -13.28
C VAL B 111 9.99 4.59 -14.35
N TYR B 112 11.26 4.25 -14.12
CA TYR B 112 12.00 3.34 -15.01
C TYR B 112 11.80 1.92 -14.51
N TRP B 113 11.98 0.97 -15.43
CA TRP B 113 11.64 -0.45 -15.22
C TRP B 113 12.54 -1.34 -16.06
N TYR B 114 13.06 -2.43 -15.47
CA TYR B 114 13.85 -3.40 -16.24
C TYR B 114 12.97 -4.29 -17.07
N GLN B 115 13.35 -4.47 -18.33
CA GLN B 115 12.57 -5.27 -19.26
C GLN B 115 13.46 -6.10 -20.17
N GLY B 116 12.83 -7.05 -20.85
CA GLY B 116 13.51 -7.93 -21.78
C GLY B 116 13.58 -9.32 -21.23
N ALA B 117 14.68 -10.01 -21.52
CA ALA B 117 14.86 -11.38 -21.04
C ALA B 117 16.26 -11.49 -20.48
N THR B 118 16.37 -11.98 -19.25
CA THR B 118 17.71 -12.19 -18.67
C THR B 118 18.45 -13.21 -19.55
N PRO B 119 19.77 -13.12 -19.65
CA PRO B 119 20.63 -12.22 -18.88
C PRO B 119 20.96 -10.90 -19.59
N ASN B 120 20.06 -10.49 -20.50
CA ASN B 120 20.20 -9.36 -21.40
C ASN B 120 19.34 -8.16 -20.95
N ALA B 121 18.59 -8.29 -19.85
CA ALA B 121 17.58 -7.29 -19.47
C ALA B 121 18.21 -5.95 -19.15
N SER B 122 17.47 -4.89 -19.46
CA SER B 122 18.00 -3.56 -19.24
C SER B 122 16.92 -2.61 -18.77
N GLU B 123 17.40 -1.47 -18.25
CA GLU B 123 16.60 -0.43 -17.63
C GLU B 123 15.99 0.50 -18.70
N SER B 124 15.34 -0.09 -19.69
CA SER B 124 15.00 0.61 -20.94
C SER B 124 13.52 0.97 -21.11
N TYR B 125 12.66 0.62 -20.14
CA TYR B 125 11.27 1.10 -20.17
C TYR B 125 11.09 2.22 -19.14
N TYR B 126 10.22 3.18 -19.43
CA TYR B 126 9.75 4.09 -18.41
C TYR B 126 8.35 4.59 -18.72
N LEU B 127 7.64 4.97 -17.68
CA LEU B 127 6.41 5.73 -17.79
C LEU B 127 6.63 7.09 -17.14
N THR B 128 5.82 8.06 -17.54
CA THR B 128 5.92 9.40 -17.00
C THR B 128 4.96 9.57 -15.83
N ILE B 129 5.46 10.15 -14.72
CA ILE B 129 4.63 10.39 -13.53
C ILE B 129 4.54 11.85 -13.08
N ASN B 130 5.61 12.64 -13.23
CA ASN B 130 5.63 14.04 -12.72
C ASN B 130 5.09 14.18 -11.30
N ASN B 131 5.53 13.32 -10.41
CA ASN B 131 5.16 13.41 -9.00
C ASN B 131 6.22 12.64 -8.21
N ASP B 132 7.18 13.38 -7.66
CA ASP B 132 8.28 12.75 -6.92
C ASP B 132 7.81 12.09 -5.64
N ASN B 133 6.55 12.34 -5.23
CA ASN B 133 5.97 11.66 -4.08
C ASN B 133 5.08 10.49 -4.48
N SER B 134 5.21 9.98 -5.70
CA SER B 134 4.37 8.86 -6.11
C SER B 134 4.57 7.69 -5.16
N ASN B 135 3.45 7.02 -4.87
CA ASN B 135 3.43 6.01 -3.84
C ASN B 135 3.47 4.63 -4.45
N VAL B 136 4.16 3.71 -3.79
CA VAL B 136 4.27 2.31 -4.22
CA VAL B 136 4.21 2.31 -4.25
C VAL B 136 3.86 1.39 -3.08
N SER B 137 3.19 0.29 -3.38
CA SER B 137 2.83 -0.71 -2.39
CA SER B 137 2.82 -0.77 -2.41
C SER B 137 3.33 -2.08 -2.90
N SER B 138 4.16 -2.77 -2.12
CA SER B 138 4.69 -4.06 -2.55
C SER B 138 4.14 -5.19 -1.66
N ASP B 139 3.68 -6.27 -2.29
CA ASP B 139 3.29 -7.50 -1.57
C ASP B 139 4.48 -8.42 -1.30
N ALA B 140 5.64 -8.09 -1.85
CA ALA B 140 6.84 -8.90 -1.71
C ALA B 140 7.96 -8.12 -1.04
N GLU B 141 8.91 -8.85 -0.45
CA GLU B 141 10.10 -8.25 0.13
CA GLU B 141 10.05 -8.17 0.14
C GLU B 141 10.89 -7.52 -0.95
N PHE B 142 11.64 -6.49 -0.57
CA PHE B 142 12.41 -5.76 -1.57
C PHE B 142 13.66 -5.12 -1.01
N TYR B 143 14.53 -4.67 -1.91
CA TYR B 143 15.76 -3.98 -1.56
C TYR B 143 15.78 -2.62 -2.23
N LEU B 144 16.60 -1.69 -1.72
CA LEU B 144 16.79 -0.38 -2.32
C LEU B 144 18.25 -0.27 -2.72
N ILE B 145 18.49 0.19 -3.94
CA ILE B 145 19.84 0.34 -4.51
C ILE B 145 19.94 1.74 -5.12
N PRO B 146 20.94 2.55 -4.72
CA PRO B 146 20.98 3.91 -5.28
C PRO B 146 21.22 3.90 -6.80
N GLN B 147 20.78 4.96 -7.49
CA GLN B 147 20.96 5.03 -8.92
C GLN B 147 22.44 4.99 -9.36
N SER B 148 23.32 5.52 -8.50
CA SER B 148 24.77 5.48 -8.75
C SER B 148 25.29 4.06 -8.89
N GLN B 149 24.52 3.09 -8.39
CA GLN B 149 24.86 1.67 -8.47
CA GLN B 149 24.86 1.67 -8.47
C GLN B 149 23.92 0.91 -9.41
N THR B 150 23.42 1.60 -10.43
CA THR B 150 22.57 0.95 -11.44
C THR B 150 23.23 -0.30 -12.04
N ALA B 151 24.53 -0.25 -12.27
CA ALA B 151 25.24 -1.39 -12.86
C ALA B 151 25.08 -2.62 -11.97
N MET B 152 25.07 -2.44 -10.66
CA MET B 152 24.84 -3.57 -9.78
C MET B 152 23.38 -4.04 -9.82
N CYS B 153 22.42 -3.12 -9.90
CA CYS B 153 21.03 -3.56 -10.04
C CYS B 153 20.91 -4.39 -11.30
N THR B 154 21.56 -3.97 -12.38
CA THR B 154 21.51 -4.71 -13.62
C THR B 154 22.08 -6.11 -13.41
N GLN B 155 23.21 -6.21 -12.72
CA GLN B 155 23.80 -7.49 -12.40
C GLN B 155 22.80 -8.37 -11.64
N TYR B 156 22.16 -7.80 -10.63
CA TYR B 156 21.19 -8.57 -9.84
C TYR B 156 19.97 -9.01 -10.67
N ILE B 157 19.43 -8.12 -11.48
CA ILE B 157 18.29 -8.47 -12.33
C ILE B 157 18.64 -9.66 -13.23
N ASN B 158 19.85 -9.65 -13.78
CA ASN B 158 20.23 -10.65 -14.75
C ASN B 158 20.80 -11.93 -14.17
N ASN B 159 21.14 -11.94 -12.88
CA ASN B 159 21.87 -13.09 -12.28
C ASN B 159 21.44 -13.51 -10.87
N GLY B 160 20.66 -12.69 -10.16
CA GLY B 160 20.35 -12.95 -8.75
C GLY B 160 21.21 -12.14 -7.79
N LEU B 161 20.86 -12.24 -6.51
CA LEU B 161 21.45 -11.46 -5.40
C LEU B 161 22.77 -11.99 -4.89
C1 GLA C . -10.55 21.06 13.99
C2 GLA C . -9.40 21.09 13.01
C3 GLA C . -9.83 20.47 11.69
C4 GLA C . -10.49 19.08 11.90
C5 GLA C . -11.59 19.17 12.97
C6 GLA C . -12.18 17.80 13.25
O1 GLA C . -11.61 21.89 13.51
O2 GLA C . -9.01 22.46 12.81
O3 GLA C . -8.67 20.37 10.84
O4 GLA C . -9.49 18.15 12.33
O5 GLA C . -11.05 19.73 14.16
O6 GLA C . -13.24 17.88 14.22
C1 FUC C . -7.59 22.68 12.82
C2 FUC C . -7.34 24.13 12.42
C3 FUC C . -7.83 25.09 13.49
C4 FUC C . -7.20 24.71 14.84
C5 FUC C . -7.42 23.22 15.15
C6 FUC C . -6.69 22.75 16.41
O2 FUC C . -7.98 24.34 11.17
O3 FUC C . -7.50 26.41 13.12
O4 FUC C . -5.82 25.00 14.85
O5 FUC C . -6.98 22.42 14.06
O5 A2G C . -9.80 20.80 8.81
C1 A2G C . -8.89 20.01 9.56
C2 A2G C . -7.56 20.00 8.83
N2 A2G C . -6.62 19.16 9.53
C3 A2G C . -7.00 21.42 8.67
O3 A2G C . -5.79 21.42 7.91
C4 A2G C . -8.05 22.26 7.97
O4 A2G C . -8.19 21.84 6.61
C5 A2G C . -9.37 22.17 8.71
C6 A2G C . -10.51 22.89 8.02
O6 A2G C . -11.61 22.88 8.94
C7 A2G C . -5.89 18.23 8.91
O7 A2G C . -5.96 17.99 7.73
C8 A2G C . -4.95 17.51 9.81
C1 GLA D . 8.56 5.74 -25.89
C2 GLA D . 7.29 6.16 -25.16
C3 GLA D . 7.62 6.62 -23.74
C4 GLA D . 8.47 5.59 -22.98
C5 GLA D . 9.67 5.15 -23.82
C6 GLA D . 10.43 3.97 -23.21
O1 GLA D . 9.39 6.87 -26.19
O2 GLA D . 6.66 7.21 -25.92
O3 GLA D . 6.41 6.90 -23.03
O4 GLA D . 7.65 4.47 -22.62
O5 GLA D . 9.24 4.74 -25.12
O6 GLA D . 11.60 3.65 -23.97
C1 FUC D . 5.22 7.24 -25.82
C2 FUC D . 4.70 8.47 -26.54
C3 FUC D . 5.03 8.39 -28.02
C4 FUC D . 4.47 7.10 -28.57
C5 FUC D . 4.82 5.88 -27.73
C6 FUC D . 3.98 4.67 -28.12
O2 FUC D . 5.27 9.61 -25.96
O3 FUC D . 4.43 9.47 -28.69
O4 FUC D . 3.06 7.26 -28.63
O5 FUC D . 4.60 6.11 -26.35
O5 A2G D . 7.14 9.00 -22.02
C1 A2G D . 6.47 7.73 -21.98
C2 A2G D . 5.07 7.96 -21.45
N2 A2G D . 4.35 6.70 -21.27
C3 A2G D . 4.32 8.89 -22.40
O3 A2G D . 2.97 9.07 -21.92
C4 A2G D . 5.08 10.21 -22.50
O4 A2G D . 5.08 10.94 -21.27
C5 A2G D . 6.53 9.93 -22.91
C6 A2G D . 7.39 11.17 -22.94
O6 A2G D . 8.70 10.81 -23.41
C7 A2G D . 3.68 6.45 -20.15
O7 A2G D . 3.63 7.23 -19.22
C8 A2G D . 2.90 5.15 -20.11
O5 A2G E . 7.21 8.93 -22.07
C1 A2G E . 6.42 7.75 -21.91
C2 A2G E . 5.03 8.09 -21.43
N2 A2G E . 4.21 6.90 -21.31
C3 A2G E . 4.37 9.11 -22.36
O3 A2G E . 3.09 9.50 -21.85
C4 A2G E . 5.29 10.32 -22.53
O4 A2G E . 5.42 11.01 -21.28
C5 A2G E . 6.65 9.83 -23.02
C6 A2G E . 7.63 10.97 -23.23
O6 A2G E . 8.82 10.46 -23.85
C7 A2G E . 3.58 6.58 -20.19
O7 A2G E . 3.65 7.25 -19.17
C8 A2G E . 2.72 5.35 -20.24
C1 GAL F . 8.20 5.36 -25.74
C2 GAL F . 6.99 6.00 -25.09
C3 GAL F . 7.39 6.71 -23.80
C4 GAL F . 8.19 5.78 -22.91
C5 GAL F . 9.37 5.27 -23.71
C6 GAL F . 10.12 4.42 -22.71
O1 GAL F . 7.84 4.65 -26.91
O2 GAL F . 6.57 7.02 -25.98
O3 GAL F . 6.24 7.23 -23.12
O4 GAL F . 7.43 4.66 -22.50
O5 GAL F . 8.95 4.55 -24.86
O6 GAL F . 9.82 3.05 -22.78
C1 FUC G . 5.15 7.16 -26.07
C2 FUC G . 4.86 8.36 -26.98
C3 FUC G . 5.13 8.01 -28.45
C4 FUC G . 4.42 6.72 -28.82
C5 FUC G . 4.97 5.66 -27.88
C6 FUC G . 4.49 4.28 -28.31
O2 FUC G . 5.66 9.44 -26.58
O3 FUC G . 4.74 9.05 -29.32
O4 FUC G . 3.02 6.84 -28.64
O5 FUC G . 4.56 5.97 -26.56
C1 GOL H . 18.57 7.60 -16.17
O1 GOL H . 18.17 8.80 -15.52
C2 GOL H . 18.24 6.38 -15.31
O2 GOL H . 19.25 6.24 -14.29
C3 GOL H . 18.18 5.18 -16.24
O3 GOL H . 17.45 4.09 -15.66
C1 GOL I . 18.40 7.95 -16.59
O1 GOL I . 18.55 9.13 -15.80
C2 GOL I . 17.81 6.79 -15.78
O2 GOL I . 18.66 6.58 -14.64
C3 GOL I . 17.72 5.54 -16.66
O3 GOL I . 19.01 5.16 -17.17
CL CL J . 19.29 -15.79 -17.03
CL CL K . -11.05 -11.23 -21.00
#